data_7HSP
#
_entry.id   7HSP
#
_cell.length_a   98.346
_cell.length_b   98.373
_cell.length_c   127.845
_cell.angle_alpha   90.00
_cell.angle_beta   90.00
_cell.angle_gamma   90.00
#
_symmetry.space_group_name_H-M   'I 2 2 2'
#
loop_
_entity.id
_entity.type
_entity.pdbx_description
1 polymer 'Oleoyl-acyl carrier protein thioesterase 1, chloroplastic'
2 non-polymer 3-(benzyloxy)aniline
3 non-polymer 'SULFATE ION'
4 water water
#
_entity_poly.entity_id   1
_entity_poly.type   'polypeptide(L)'
_entity_poly.pdbx_seq_one_letter_code
;MGSLTEDGLSYKEKFVVRSYEVGSNKTATVETIANLLQEVGCNHAQSVGFSTDGFATTTTMRKLHLIWVTARMHIEIYKY
PAWGDVVEIETWCQSEGRIGTRRDWILKDSVTGEVTGRATSKWVMMNQDTRRLQKVSDDVRDEYLVFCPQEPRLAFPEEN
NRSLKKIPKLEDPAQYSMIGLKPRRADLDMNQHVNNVTYIGWVLESIPQEIVDTHELQVITLDYRRECQQDDVVDSLTTT
TSEIGGTNGSATSGTQGHNDSQFLHLLRLSGDGQEINRGTTLWRKKPSSHHHHHH
;
_entity_poly.pdbx_strand_id   A,B
#
loop_
_chem_comp.id
_chem_comp.type
_chem_comp.name
_chem_comp.formula
O1D non-polymer 3-(benzyloxy)aniline 'C13 H13 N O'
SO4 non-polymer 'SULFATE ION' 'O4 S -2'
#
# COMPACT_ATOMS: atom_id res chain seq x y z
N GLY A 2 -6.79 2.24 -18.94
CA GLY A 2 -5.88 1.40 -19.69
C GLY A 2 -6.56 0.70 -20.84
N SER A 3 -5.76 0.12 -21.76
CA SER A 3 -6.33 -0.54 -22.92
C SER A 3 -5.33 -1.44 -23.62
N LEU A 4 -5.85 -2.44 -24.34
CA LEU A 4 -5.04 -3.29 -25.21
C LEU A 4 -4.50 -2.38 -26.35
N THR A 5 -3.30 -2.68 -26.85
CA THR A 5 -2.73 -1.94 -27.99
C THR A 5 -3.50 -2.39 -29.26
N GLU A 6 -3.21 -1.75 -30.41
CA GLU A 6 -3.87 -2.05 -31.69
C GLU A 6 -3.93 -3.53 -32.04
N ASP A 7 -2.80 -4.25 -31.96
CA ASP A 7 -2.78 -5.67 -32.32
C ASP A 7 -3.39 -6.62 -31.29
N GLY A 8 -3.77 -6.09 -30.11
CA GLY A 8 -4.36 -6.88 -29.04
C GLY A 8 -3.38 -7.81 -28.35
N LEU A 9 -2.06 -7.62 -28.59
CA LEU A 9 -1.02 -8.47 -28.03
C LEU A 9 -0.21 -7.84 -26.88
N SER A 10 -0.60 -6.65 -26.44
CA SER A 10 -0.01 -6.02 -25.25
C SER A 10 -1.02 -5.03 -24.66
N TYR A 11 -0.75 -4.53 -23.45
CA TYR A 11 -1.68 -3.67 -22.73
C TYR A 11 -0.93 -2.48 -22.16
N LYS A 12 -1.53 -1.28 -22.21
CA LYS A 12 -0.89 -0.09 -21.64
C LYS A 12 -1.79 0.57 -20.65
N GLU A 13 -1.21 1.15 -19.60
CA GLU A 13 -1.99 1.86 -18.60
C GLU A 13 -1.15 2.99 -18.00
N LYS A 14 -1.81 4.12 -17.69
CA LYS A 14 -1.14 5.25 -17.07
C LYS A 14 -1.53 5.35 -15.60
N PHE A 15 -0.56 5.73 -14.76
CA PHE A 15 -0.78 5.90 -13.32
C PHE A 15 -0.19 7.23 -12.86
N VAL A 16 -0.91 7.94 -12.00
CA VAL A 16 -0.43 9.19 -11.41
C VAL A 16 0.13 8.82 -10.06
N VAL A 17 1.43 9.08 -9.83
CA VAL A 17 2.07 8.71 -8.54
C VAL A 17 1.42 9.45 -7.33
N ARG A 18 0.99 8.66 -6.32
CA ARG A 18 0.29 9.17 -5.11
C ARG A 18 1.20 9.61 -3.97
N SER A 19 0.70 10.51 -3.11
CA SER A 19 1.42 11.05 -1.94
C SER A 19 2.05 9.97 -1.04
N TYR A 20 1.26 8.95 -0.64
CA TYR A 20 1.70 7.86 0.24
C TYR A 20 2.56 6.78 -0.46
N GLU A 21 2.71 6.88 -1.79
CA GLU A 21 3.47 5.93 -2.60
C GLU A 21 4.96 6.30 -2.74
N VAL A 22 5.36 7.49 -2.26
CA VAL A 22 6.73 7.97 -2.40
C VAL A 22 7.53 7.91 -1.11
N GLY A 23 8.86 7.81 -1.26
CA GLY A 23 9.85 7.81 -0.20
C GLY A 23 10.38 9.18 0.15
N SER A 24 11.54 9.23 0.84
N SER A 24 11.53 9.24 0.86
N SER A 24 11.54 9.23 0.84
CA SER A 24 12.21 10.45 1.30
CA SER A 24 12.16 10.49 1.33
CA SER A 24 12.21 10.45 1.30
C SER A 24 12.57 11.44 0.20
C SER A 24 12.60 11.45 0.22
C SER A 24 12.57 11.44 0.20
N ASN A 25 12.84 10.96 -1.00
CA ASN A 25 13.20 11.83 -2.13
C ASN A 25 11.96 12.30 -2.95
N LYS A 26 10.73 12.01 -2.45
CA LYS A 26 9.48 12.36 -3.11
C LYS A 26 9.34 11.67 -4.48
N THR A 27 9.93 10.46 -4.63
CA THR A 27 9.80 9.63 -5.82
C THR A 27 9.24 8.25 -5.39
N ALA A 28 8.55 7.56 -6.32
CA ALA A 28 7.96 6.26 -6.03
C ALA A 28 8.95 5.25 -5.50
N THR A 29 8.58 4.50 -4.46
CA THR A 29 9.44 3.44 -3.96
C THR A 29 9.43 2.27 -4.97
N VAL A 30 10.39 1.34 -4.83
CA VAL A 30 10.41 0.16 -5.70
C VAL A 30 9.17 -0.73 -5.43
N GLU A 31 8.60 -0.68 -4.19
CA GLU A 31 7.42 -1.48 -3.88
C GLU A 31 6.19 -0.89 -4.56
N THR A 32 6.10 0.46 -4.65
CA THR A 32 5.02 1.12 -5.38
C THR A 32 5.11 0.69 -6.86
N ILE A 33 6.33 0.73 -7.45
CA ILE A 33 6.52 0.31 -8.84
C ILE A 33 6.06 -1.14 -9.03
N ALA A 34 6.52 -2.03 -8.16
CA ALA A 34 6.12 -3.44 -8.18
C ALA A 34 4.59 -3.62 -8.10
N ASN A 35 3.90 -2.86 -7.22
CA ASN A 35 2.44 -2.91 -7.10
C ASN A 35 1.78 -2.47 -8.43
N LEU A 36 2.30 -1.44 -9.07
CA LEU A 36 1.81 -0.95 -10.37
C LEU A 36 2.00 -2.02 -11.45
N LEU A 37 3.13 -2.74 -11.40
CA LEU A 37 3.37 -3.86 -12.32
C LEU A 37 2.30 -4.95 -12.15
N GLN A 38 1.92 -5.27 -10.88
CA GLN A 38 0.85 -6.25 -10.66
C GLN A 38 -0.46 -5.74 -11.21
N GLU A 39 -0.83 -4.48 -10.93
CA GLU A 39 -2.10 -3.91 -11.36
C GLU A 39 -2.27 -3.92 -12.88
N VAL A 40 -1.23 -3.48 -13.62
CA VAL A 40 -1.30 -3.48 -15.08
C VAL A 40 -1.37 -4.94 -15.63
N GLY A 41 -0.70 -5.88 -14.95
CA GLY A 41 -0.76 -7.30 -15.28
C GLY A 41 -2.17 -7.86 -15.13
N CYS A 42 -2.84 -7.54 -14.01
CA CYS A 42 -4.21 -7.99 -13.77
C CYS A 42 -5.16 -7.36 -14.77
N ASN A 43 -4.99 -6.06 -15.09
CA ASN A 43 -5.87 -5.40 -16.05
C ASN A 43 -5.69 -6.00 -17.46
N HIS A 44 -4.46 -6.43 -17.80
CA HIS A 44 -4.21 -7.09 -19.08
C HIS A 44 -4.98 -8.45 -19.11
N ALA A 45 -4.87 -9.29 -18.07
CA ALA A 45 -5.60 -10.58 -18.02
C ALA A 45 -7.12 -10.40 -18.17
N GLN A 46 -7.68 -9.42 -17.46
CA GLN A 46 -9.11 -9.10 -17.56
C GLN A 46 -9.53 -8.67 -18.97
N SER A 47 -8.72 -7.82 -19.62
N SER A 47 -8.72 -7.82 -19.62
N SER A 47 -8.72 -7.82 -19.62
CA SER A 47 -9.04 -7.32 -20.95
CA SER A 47 -9.02 -7.31 -20.95
CA SER A 47 -9.04 -7.32 -20.95
C SER A 47 -9.07 -8.40 -22.03
C SER A 47 -9.08 -8.41 -22.01
C SER A 47 -9.07 -8.40 -22.03
N VAL A 48 -8.33 -9.50 -21.82
CA VAL A 48 -8.30 -10.59 -22.78
C VAL A 48 -9.23 -11.76 -22.40
N GLY A 49 -10.19 -11.52 -21.51
CA GLY A 49 -11.21 -12.50 -21.21
C GLY A 49 -11.10 -13.39 -19.99
N PHE A 50 -10.02 -13.26 -19.20
CA PHE A 50 -9.90 -14.08 -17.98
C PHE A 50 -10.93 -13.67 -16.91
N SER A 51 -11.53 -14.66 -16.25
CA SER A 51 -12.55 -14.45 -15.23
C SER A 51 -11.97 -13.86 -13.95
N ALA A 56 -6.34 -15.61 -12.56
CA ALA A 56 -6.67 -15.72 -13.98
C ALA A 56 -6.16 -17.06 -14.47
N THR A 57 -7.06 -17.95 -14.87
CA THR A 57 -6.69 -19.29 -15.28
C THR A 57 -7.42 -19.67 -16.57
N THR A 58 -6.79 -20.47 -17.42
CA THR A 58 -7.43 -20.95 -18.66
C THR A 58 -8.45 -22.06 -18.33
N THR A 59 -9.24 -22.53 -19.33
CA THR A 59 -10.20 -23.61 -19.13
C THR A 59 -9.52 -24.89 -18.60
N THR A 60 -8.44 -25.36 -19.25
CA THR A 60 -7.75 -26.57 -18.80
C THR A 60 -7.10 -26.38 -17.39
N MET A 61 -6.61 -25.17 -17.08
N MET A 61 -6.61 -25.18 -17.09
N MET A 61 -6.61 -25.17 -17.08
CA MET A 61 -6.00 -24.90 -15.77
CA MET A 61 -6.00 -24.89 -15.79
CA MET A 61 -6.00 -24.90 -15.77
C MET A 61 -7.02 -25.04 -14.63
C MET A 61 -7.01 -25.04 -14.65
C MET A 61 -7.02 -25.04 -14.63
N ARG A 62 -8.20 -24.43 -14.78
CA ARG A 62 -9.26 -24.51 -13.76
C ARG A 62 -9.71 -25.97 -13.49
N LYS A 63 -9.81 -26.77 -14.54
CA LYS A 63 -10.18 -28.19 -14.46
C LYS A 63 -9.10 -28.98 -13.71
N LEU A 64 -7.82 -28.72 -13.99
CA LEU A 64 -6.73 -29.43 -13.31
C LEU A 64 -6.28 -28.77 -11.98
N HIS A 65 -6.99 -27.71 -11.51
CA HIS A 65 -6.65 -26.95 -10.30
C HIS A 65 -5.22 -26.38 -10.36
N LEU A 66 -4.82 -25.86 -11.52
CA LEU A 66 -3.50 -25.26 -11.68
C LEU A 66 -3.59 -23.75 -11.72
N ILE A 67 -2.52 -23.11 -11.24
CA ILE A 67 -2.36 -21.66 -11.24
C ILE A 67 -0.94 -21.29 -11.72
N TRP A 68 -0.76 -20.04 -12.17
CA TRP A 68 0.53 -19.49 -12.47
C TRP A 68 1.05 -18.92 -11.13
N VAL A 69 2.32 -19.16 -10.83
CA VAL A 69 3.00 -18.64 -9.66
C VAL A 69 4.36 -18.05 -10.08
N THR A 70 4.78 -16.94 -9.45
CA THR A 70 6.05 -16.30 -9.81
C THR A 70 7.24 -17.11 -9.28
N ALA A 71 8.19 -17.44 -10.14
CA ALA A 71 9.41 -18.10 -9.74
C ALA A 71 10.53 -17.05 -9.60
N ARG A 72 10.55 -16.01 -10.46
CA ARG A 72 11.58 -14.97 -10.39
C ARG A 72 11.02 -13.63 -10.87
N MET A 73 11.46 -12.54 -10.23
CA MET A 73 11.08 -11.18 -10.59
C MET A 73 12.39 -10.37 -10.75
N HIS A 74 12.54 -9.62 -11.84
CA HIS A 74 13.74 -8.83 -12.09
C HIS A 74 13.31 -7.42 -12.52
N ILE A 75 13.73 -6.40 -11.77
CA ILE A 75 13.35 -5.01 -12.05
C ILE A 75 14.59 -4.09 -12.17
N GLU A 76 14.61 -3.28 -13.22
CA GLU A 76 15.66 -2.29 -13.41
C GLU A 76 15.02 -0.90 -13.55
N ILE A 77 15.40 0.04 -12.69
CA ILE A 77 14.87 1.39 -12.73
C ILE A 77 15.97 2.38 -13.05
N TYR A 78 15.75 3.20 -14.07
CA TYR A 78 16.69 4.26 -14.47
C TYR A 78 16.31 5.57 -13.75
N LYS A 79 15.00 5.88 -13.68
CA LYS A 79 14.48 7.06 -12.98
C LYS A 79 13.17 6.71 -12.26
N TYR A 80 13.08 6.98 -10.96
CA TYR A 80 11.83 6.75 -10.21
C TYR A 80 10.94 7.96 -10.45
N PRO A 81 9.69 7.75 -10.87
CA PRO A 81 8.80 8.91 -11.12
C PRO A 81 8.51 9.68 -9.84
N ALA A 82 8.39 10.99 -9.95
CA ALA A 82 8.11 11.85 -8.81
C ALA A 82 6.61 11.82 -8.44
N TRP A 83 6.30 12.22 -7.20
CA TRP A 83 4.94 12.39 -6.67
C TRP A 83 4.16 13.32 -7.64
N GLY A 84 3.02 12.84 -8.17
CA GLY A 84 2.23 13.63 -9.11
C GLY A 84 2.57 13.39 -10.58
N ASP A 85 3.72 12.75 -10.86
CA ASP A 85 4.09 12.44 -12.24
C ASP A 85 3.19 11.33 -12.80
N VAL A 86 3.09 11.26 -14.13
CA VAL A 86 2.31 10.22 -14.78
C VAL A 86 3.28 9.22 -15.43
N VAL A 87 3.19 7.96 -15.02
CA VAL A 87 4.03 6.92 -15.59
C VAL A 87 3.17 6.01 -16.50
N GLU A 88 3.67 5.66 -17.69
CA GLU A 88 2.92 4.76 -18.56
C GLU A 88 3.60 3.39 -18.57
N ILE A 89 2.85 2.31 -18.33
CA ILE A 89 3.44 0.98 -18.30
C ILE A 89 2.84 0.08 -19.37
N GLU A 90 3.69 -0.56 -20.17
CA GLU A 90 3.22 -1.49 -21.20
C GLU A 90 3.63 -2.90 -20.76
N THR A 91 2.72 -3.87 -20.87
CA THR A 91 3.00 -5.24 -20.45
C THR A 91 2.54 -6.26 -21.50
N TRP A 92 3.21 -7.41 -21.54
CA TRP A 92 2.86 -8.50 -22.45
C TRP A 92 3.40 -9.82 -21.89
N CYS A 93 2.88 -10.92 -22.41
CA CYS A 93 3.32 -12.24 -22.00
C CYS A 93 3.88 -13.00 -23.19
N GLN A 94 4.73 -13.98 -22.91
CA GLN A 94 5.28 -14.86 -23.92
C GLN A 94 5.35 -16.27 -23.36
N SER A 95 5.06 -17.24 -24.22
CA SER A 95 5.16 -18.63 -23.86
C SER A 95 6.65 -19.00 -23.85
N GLU A 96 7.07 -19.79 -22.88
CA GLU A 96 8.43 -20.30 -22.83
C GLU A 96 8.35 -21.82 -22.94
N GLY A 97 7.63 -22.29 -23.97
CA GLY A 97 7.43 -23.70 -24.28
C GLY A 97 6.78 -24.44 -23.12
N ARG A 98 7.31 -25.60 -22.78
CA ARG A 98 6.80 -26.37 -21.65
C ARG A 98 7.37 -25.93 -20.29
N ILE A 99 8.35 -25.00 -20.26
CA ILE A 99 8.96 -24.57 -19.00
C ILE A 99 8.00 -23.71 -18.16
N GLY A 100 7.38 -22.75 -18.81
CA GLY A 100 6.50 -21.84 -18.13
C GLY A 100 6.16 -20.65 -19.01
N THR A 101 5.91 -19.54 -18.37
CA THR A 101 5.49 -18.30 -19.02
C THR A 101 6.32 -17.13 -18.52
N ARG A 102 6.44 -16.10 -19.32
CA ARG A 102 7.17 -14.90 -18.94
C ARG A 102 6.23 -13.69 -19.09
N ARG A 103 6.24 -12.76 -18.11
CA ARG A 103 5.51 -11.50 -18.28
C ARG A 103 6.58 -10.42 -18.23
N ASP A 104 6.58 -9.51 -19.21
CA ASP A 104 7.54 -8.40 -19.27
C ASP A 104 6.82 -7.04 -19.16
N TRP A 105 7.53 -6.02 -18.71
CA TRP A 105 6.99 -4.67 -18.61
C TRP A 105 8.02 -3.64 -19.07
N ILE A 106 7.51 -2.51 -19.61
CA ILE A 106 8.33 -1.34 -19.97
C ILE A 106 7.68 -0.12 -19.32
N LEU A 107 8.45 0.66 -18.55
CA LEU A 107 7.93 1.85 -17.87
C LEU A 107 8.44 3.08 -18.62
N LYS A 108 7.57 4.03 -18.91
CA LYS A 108 7.98 5.26 -19.60
C LYS A 108 7.43 6.50 -18.89
N ASP A 109 8.14 7.62 -18.99
CA ASP A 109 7.67 8.90 -18.46
C ASP A 109 6.61 9.33 -19.50
N SER A 110 5.36 9.56 -19.09
CA SER A 110 4.30 9.92 -20.04
C SER A 110 4.54 11.27 -20.76
N VAL A 111 5.21 12.20 -20.09
CA VAL A 111 5.47 13.52 -20.64
C VAL A 111 6.63 13.50 -21.66
N THR A 112 7.72 12.76 -21.39
CA THR A 112 8.87 12.74 -22.31
C THR A 112 8.92 11.54 -23.26
N GLY A 113 8.24 10.47 -22.90
CA GLY A 113 8.23 9.24 -23.70
C GLY A 113 9.47 8.39 -23.51
N GLU A 114 10.41 8.81 -22.63
CA GLU A 114 11.63 8.06 -22.42
C GLU A 114 11.41 6.86 -21.50
N VAL A 115 12.13 5.77 -21.75
CA VAL A 115 12.04 4.56 -20.94
C VAL A 115 12.73 4.86 -19.61
N THR A 116 11.98 4.77 -18.53
CA THR A 116 12.49 5.03 -17.18
C THR A 116 12.71 3.72 -16.37
N GLY A 117 12.25 2.59 -16.90
CA GLY A 117 12.45 1.29 -16.26
C GLY A 117 11.97 0.13 -17.09
N ARG A 118 12.34 -1.10 -16.69
CA ARG A 118 11.91 -2.32 -17.34
C ARG A 118 11.89 -3.48 -16.32
N ALA A 119 11.04 -4.45 -16.56
CA ALA A 119 10.93 -5.61 -15.65
C ALA A 119 10.61 -6.88 -16.41
N THR A 120 11.00 -8.02 -15.82
CA THR A 120 10.72 -9.31 -16.41
C THR A 120 10.46 -10.31 -15.29
N SER A 121 9.51 -11.21 -15.52
CA SER A 121 9.15 -12.21 -14.52
C SER A 121 8.96 -13.57 -15.13
N LYS A 122 9.44 -14.61 -14.44
CA LYS A 122 9.31 -16.00 -14.86
C LYS A 122 8.25 -16.66 -13.99
N TRP A 123 7.24 -17.26 -14.63
CA TRP A 123 6.13 -17.91 -13.96
C TRP A 123 6.14 -19.41 -14.32
N VAL A 124 5.72 -20.24 -13.37
CA VAL A 124 5.62 -21.70 -13.55
C VAL A 124 4.22 -22.17 -13.13
N MET A 125 3.80 -23.31 -13.66
CA MET A 125 2.50 -23.88 -13.32
C MET A 125 2.62 -24.62 -12.01
N MET A 126 1.57 -24.58 -11.20
CA MET A 126 1.58 -25.27 -9.92
C MET A 126 0.18 -25.72 -9.56
N ASN A 127 0.06 -26.90 -8.94
CA ASN A 127 -1.24 -27.36 -8.44
C ASN A 127 -1.54 -26.51 -7.21
N GLN A 128 -2.70 -25.84 -7.21
CA GLN A 128 -3.17 -24.94 -6.14
C GLN A 128 -3.26 -25.61 -4.75
N ASP A 129 -3.56 -26.91 -4.75
CA ASP A 129 -3.80 -27.67 -3.51
C ASP A 129 -2.57 -28.37 -2.94
N THR A 130 -1.81 -29.10 -3.77
CA THR A 130 -0.60 -29.81 -3.31
C THR A 130 0.68 -28.98 -3.35
N ARG A 131 0.67 -27.81 -4.05
CA ARG A 131 1.83 -26.95 -4.24
C ARG A 131 2.91 -27.58 -5.14
N ARG A 132 2.58 -28.64 -5.89
CA ARG A 132 3.56 -29.31 -6.75
C ARG A 132 3.68 -28.64 -8.12
N LEU A 133 4.91 -28.28 -8.47
CA LEU A 133 5.20 -27.64 -9.75
C LEU A 133 5.09 -28.63 -10.88
N GLN A 134 4.73 -28.13 -12.05
CA GLN A 134 4.67 -28.96 -13.24
C GLN A 134 4.91 -28.15 -14.51
N LYS A 135 5.14 -28.85 -15.61
CA LYS A 135 5.39 -28.25 -16.91
C LYS A 135 4.08 -27.72 -17.51
N VAL A 136 4.19 -26.86 -18.54
CA VAL A 136 3.02 -26.34 -19.22
C VAL A 136 2.58 -27.36 -20.26
N SER A 137 1.38 -27.95 -20.08
CA SER A 137 0.87 -28.90 -21.05
C SER A 137 0.56 -28.19 -22.37
N ASP A 138 0.55 -28.96 -23.47
CA ASP A 138 0.27 -28.39 -24.77
C ASP A 138 -1.16 -27.86 -24.86
N ASP A 139 -2.10 -28.47 -24.14
CA ASP A 139 -3.49 -27.98 -24.12
C ASP A 139 -3.58 -26.59 -23.46
N VAL A 140 -2.84 -26.35 -22.36
CA VAL A 140 -2.86 -25.05 -21.71
C VAL A 140 -2.20 -23.96 -22.60
N ARG A 141 -1.05 -24.29 -23.20
CA ARG A 141 -0.32 -23.38 -24.08
C ARG A 141 -1.19 -22.91 -25.24
N ASP A 142 -1.89 -23.85 -25.90
CA ASP A 142 -2.77 -23.53 -27.03
C ASP A 142 -3.86 -22.52 -26.61
N GLU A 143 -4.34 -22.60 -25.36
CA GLU A 143 -5.35 -21.70 -24.84
C GLU A 143 -4.85 -20.25 -24.59
N TYR A 144 -3.57 -20.04 -24.20
CA TYR A 144 -3.13 -18.65 -23.93
C TYR A 144 -2.19 -18.06 -25.01
N LEU A 145 -1.67 -18.91 -25.93
CA LEU A 145 -0.77 -18.49 -27.01
C LEU A 145 -1.39 -17.39 -27.90
N VAL A 146 -2.72 -17.45 -28.10
CA VAL A 146 -3.45 -16.45 -28.91
C VAL A 146 -3.48 -15.04 -28.28
N PHE A 147 -3.02 -14.89 -27.04
CA PHE A 147 -2.96 -13.60 -26.34
C PHE A 147 -1.51 -13.05 -26.24
N CYS A 148 -0.52 -13.73 -26.88
CA CYS A 148 0.89 -13.40 -26.81
C CYS A 148 1.44 -13.07 -28.19
N PRO A 149 2.46 -12.18 -28.28
CA PRO A 149 3.22 -12.08 -29.54
C PRO A 149 3.96 -13.42 -29.75
N GLN A 150 3.96 -13.97 -30.98
CA GLN A 150 4.55 -15.31 -31.18
C GLN A 150 6.05 -15.25 -31.59
N GLU A 151 6.51 -14.12 -32.11
CA GLU A 151 7.93 -13.90 -32.34
C GLU A 151 8.51 -13.29 -31.03
N PRO A 152 9.83 -13.44 -30.76
CA PRO A 152 10.38 -12.88 -29.51
C PRO A 152 10.19 -11.38 -29.32
N ARG A 153 9.84 -10.99 -28.09
CA ARG A 153 9.69 -9.62 -27.66
C ARG A 153 10.18 -9.58 -26.21
N LEU A 154 11.43 -9.15 -26.03
CA LEU A 154 12.07 -9.14 -24.72
C LEU A 154 12.24 -7.76 -24.16
N ALA A 155 11.88 -7.56 -22.88
CA ALA A 155 12.18 -6.30 -22.19
C ALA A 155 13.70 -6.21 -21.92
N PHE A 156 14.37 -7.36 -21.74
CA PHE A 156 15.82 -7.46 -21.51
C PHE A 156 16.46 -8.29 -22.63
N PRO A 157 16.70 -7.66 -23.78
CA PRO A 157 17.27 -8.39 -24.91
C PRO A 157 18.75 -8.77 -24.74
N GLU A 158 19.61 -7.84 -24.30
CA GLU A 158 21.06 -8.02 -24.12
C GLU A 158 21.53 -9.45 -23.78
N GLU A 159 22.66 -9.86 -24.39
CA GLU A 159 23.29 -11.17 -24.34
C GLU A 159 23.55 -11.76 -22.93
N ASN A 160 24.24 -11.03 -22.04
CA ASN A 160 24.54 -11.56 -20.70
C ASN A 160 23.94 -10.63 -19.68
N ASN A 161 22.66 -10.33 -19.84
CA ASN A 161 21.97 -9.40 -18.95
C ASN A 161 21.72 -10.01 -17.56
N ARG A 162 21.61 -9.12 -16.57
CA ARG A 162 21.42 -9.42 -15.15
C ARG A 162 20.18 -10.27 -14.82
N SER A 163 19.12 -10.22 -15.65
CA SER A 163 17.87 -10.94 -15.38
C SER A 163 17.99 -12.46 -15.35
N LEU A 164 19.01 -13.02 -16.02
CA LEU A 164 19.21 -14.46 -16.10
C LEU A 164 20.41 -14.98 -15.28
N LYS A 165 20.95 -14.17 -14.36
CA LYS A 165 22.11 -14.58 -13.57
C LYS A 165 21.71 -15.55 -12.46
N LYS A 166 22.55 -16.56 -12.20
CA LYS A 166 22.32 -17.54 -11.13
C LYS A 166 22.64 -16.89 -9.78
N ILE A 167 21.75 -17.04 -8.78
CA ILE A 167 21.99 -16.42 -7.47
C ILE A 167 22.44 -17.44 -6.41
N PRO A 168 23.59 -17.23 -5.77
CA PRO A 168 24.04 -18.18 -4.76
C PRO A 168 23.34 -18.03 -3.41
N LYS A 169 23.53 -19.02 -2.52
CA LYS A 169 22.92 -18.96 -1.20
C LYS A 169 23.86 -18.29 -0.21
N LEU A 170 23.37 -17.23 0.47
CA LEU A 170 24.12 -16.47 1.49
C LEU A 170 24.61 -17.43 2.58
N GLU A 171 25.88 -17.31 2.98
CA GLU A 171 26.47 -18.15 4.02
C GLU A 171 26.45 -17.41 5.37
N ASP A 172 26.13 -18.12 6.46
CA ASP A 172 26.16 -17.51 7.79
C ASP A 172 27.63 -17.34 8.22
N PRO A 173 28.01 -16.23 8.89
CA PRO A 173 27.12 -15.14 9.33
C PRO A 173 26.85 -14.07 8.26
N ALA A 174 25.63 -13.52 8.28
CA ALA A 174 25.28 -12.43 7.36
C ALA A 174 25.91 -11.13 7.91
N GLN A 175 26.25 -10.18 7.01
CA GLN A 175 26.82 -8.92 7.43
C GLN A 175 25.75 -8.08 8.15
N TYR A 176 24.51 -8.07 7.61
CA TYR A 176 23.40 -7.31 8.21
C TYR A 176 22.15 -8.21 8.32
N SER A 177 21.23 -7.87 9.23
CA SER A 177 20.00 -8.64 9.37
C SER A 177 18.84 -7.84 9.97
N MET A 178 17.62 -8.25 9.65
CA MET A 178 16.41 -7.71 10.24
C MET A 178 15.60 -8.96 10.60
N ILE A 179 15.37 -9.18 11.87
CA ILE A 179 14.75 -10.38 12.43
C ILE A 179 13.30 -10.17 12.89
N GLY A 180 12.49 -11.23 12.83
CA GLY A 180 11.15 -11.20 13.38
C GLY A 180 10.11 -10.51 12.53
N LEU A 181 10.33 -10.44 11.22
CA LEU A 181 9.37 -9.81 10.30
C LEU A 181 8.11 -10.69 10.16
N LYS A 182 6.92 -10.10 10.25
CA LYS A 182 5.65 -10.85 10.18
C LYS A 182 4.70 -10.08 9.26
N PRO A 183 3.93 -10.77 8.42
CA PRO A 183 2.94 -10.05 7.60
C PRO A 183 1.70 -9.63 8.41
N ARG A 184 1.15 -8.44 8.11
CA ARG A 184 -0.13 -8.04 8.70
C ARG A 184 -1.22 -8.22 7.58
N ARG A 185 -2.51 -7.96 7.88
CA ARG A 185 -3.56 -8.16 6.88
C ARG A 185 -3.38 -7.35 5.59
N ALA A 186 -2.81 -6.13 5.68
CA ALA A 186 -2.54 -5.32 4.48
C ALA A 186 -1.51 -5.99 3.56
N ASP A 187 -0.67 -6.90 4.09
CA ASP A 187 0.30 -7.63 3.26
C ASP A 187 -0.33 -8.77 2.47
N LEU A 188 -1.60 -9.13 2.76
CA LEU A 188 -2.25 -10.25 2.08
C LEU A 188 -3.02 -9.78 0.84
N ASP A 189 -3.12 -10.66 -0.16
CA ASP A 189 -3.89 -10.40 -1.36
C ASP A 189 -5.36 -10.88 -1.20
N MET A 190 -6.18 -10.74 -2.26
CA MET A 190 -7.59 -11.16 -2.25
C MET A 190 -7.75 -12.67 -1.95
N ASN A 191 -6.70 -13.49 -2.15
CA ASN A 191 -6.78 -14.93 -1.87
C ASN A 191 -6.19 -15.31 -0.49
N GLN A 192 -5.86 -14.31 0.34
CA GLN A 192 -5.28 -14.46 1.69
C GLN A 192 -3.87 -15.06 1.68
N HIS A 193 -3.14 -14.85 0.58
CA HIS A 193 -1.74 -15.22 0.47
C HIS A 193 -0.91 -13.96 0.63
N VAL A 194 0.33 -14.09 1.12
CA VAL A 194 1.22 -12.93 1.23
C VAL A 194 1.51 -12.38 -0.20
N ASN A 195 1.24 -11.09 -0.41
CA ASN A 195 1.48 -10.44 -1.70
C ASN A 195 2.97 -10.54 -2.10
N ASN A 196 3.27 -10.87 -3.36
CA ASN A 196 4.65 -10.98 -3.83
C ASN A 196 5.52 -9.76 -3.55
N VAL A 197 4.92 -8.55 -3.51
CA VAL A 197 5.62 -7.30 -3.26
C VAL A 197 6.11 -7.19 -1.81
N THR A 198 5.39 -7.78 -0.86
CA THR A 198 5.82 -7.80 0.55
C THR A 198 7.24 -8.42 0.70
N TYR A 199 7.53 -9.49 -0.07
CA TYR A 199 8.85 -10.12 -0.03
C TYR A 199 9.96 -9.16 -0.46
N ILE A 200 9.68 -8.28 -1.46
CA ILE A 200 10.64 -7.27 -1.89
C ILE A 200 10.94 -6.33 -0.70
N GLY A 201 9.89 -5.85 -0.02
CA GLY A 201 10.07 -5.01 1.17
C GLY A 201 10.89 -5.67 2.26
N TRP A 202 10.62 -6.96 2.53
CA TRP A 202 11.37 -7.71 3.55
C TRP A 202 12.84 -7.85 3.19
N VAL A 203 13.14 -8.13 1.91
CA VAL A 203 14.54 -8.20 1.43
C VAL A 203 15.27 -6.88 1.73
N LEU A 204 14.62 -5.75 1.37
CA LEU A 204 15.19 -4.41 1.54
C LEU A 204 15.32 -3.97 3.00
N GLU A 205 14.55 -4.57 3.93
CA GLU A 205 14.64 -4.20 5.34
C GLU A 205 16.03 -4.42 5.97
N SER A 206 16.80 -5.39 5.44
CA SER A 206 18.13 -5.64 6.00
C SER A 206 19.26 -4.79 5.34
N ILE A 207 18.91 -3.90 4.41
CA ILE A 207 19.89 -2.98 3.82
C ILE A 207 19.99 -1.83 4.86
N PRO A 208 21.21 -1.45 5.26
CA PRO A 208 21.35 -0.34 6.23
C PRO A 208 20.73 0.96 5.70
N GLN A 209 20.13 1.76 6.60
CA GLN A 209 19.48 3.02 6.25
C GLN A 209 20.44 4.01 5.55
N GLU A 210 21.74 3.98 5.88
CA GLU A 210 22.75 4.86 5.27
C GLU A 210 22.88 4.59 3.79
N ILE A 211 22.85 3.32 3.38
CA ILE A 211 22.89 2.95 1.97
C ILE A 211 21.63 3.52 1.28
N VAL A 212 20.45 3.32 1.88
CA VAL A 212 19.19 3.86 1.33
C VAL A 212 19.23 5.39 1.20
N ASP A 213 19.78 6.09 2.21
CA ASP A 213 19.87 7.56 2.21
C ASP A 213 20.87 8.13 1.20
N THR A 214 21.91 7.37 0.81
CA THR A 214 22.95 7.85 -0.09
C THR A 214 22.97 7.23 -1.48
N HIS A 215 22.19 6.16 -1.68
CA HIS A 215 22.16 5.47 -2.97
C HIS A 215 20.73 5.32 -3.46
N GLU A 216 20.60 5.06 -4.77
CA GLU A 216 19.33 4.73 -5.39
C GLU A 216 19.41 3.28 -5.87
N LEU A 217 18.35 2.52 -5.64
CA LEU A 217 18.29 1.13 -6.08
C LEU A 217 18.12 1.10 -7.61
N GLN A 218 19.08 0.51 -8.32
CA GLN A 218 19.02 0.40 -9.78
C GLN A 218 18.45 -0.93 -10.25
N VAL A 219 18.86 -2.04 -9.61
CA VAL A 219 18.44 -3.37 -10.06
C VAL A 219 18.12 -4.24 -8.84
N ILE A 220 17.08 -5.09 -8.97
CA ILE A 220 16.71 -6.09 -7.98
C ILE A 220 16.30 -7.38 -8.68
N THR A 221 16.93 -8.51 -8.31
CA THR A 221 16.58 -9.82 -8.83
C THR A 221 16.15 -10.67 -7.63
N LEU A 222 14.97 -11.26 -7.70
CA LEU A 222 14.44 -12.03 -6.58
C LEU A 222 13.85 -13.36 -6.99
N ASP A 223 14.39 -14.48 -6.45
CA ASP A 223 13.85 -15.83 -6.65
C ASP A 223 12.84 -16.14 -5.54
N TYR A 224 11.70 -16.74 -5.90
CA TYR A 224 10.66 -17.10 -4.94
C TYR A 224 10.71 -18.63 -4.83
N ARG A 225 11.14 -19.14 -3.69
CA ARG A 225 11.31 -20.58 -3.50
C ARG A 225 10.14 -21.26 -2.77
N ARG A 226 9.61 -20.56 -1.77
CA ARG A 226 8.56 -21.07 -0.91
C ARG A 226 7.77 -19.88 -0.35
N GLU A 227 6.52 -20.11 -0.06
CA GLU A 227 5.64 -19.10 0.46
C GLU A 227 5.78 -18.86 1.98
N CYS A 228 5.62 -17.62 2.40
CA CYS A 228 5.53 -17.27 3.81
C CYS A 228 4.02 -17.35 4.09
N GLN A 229 3.62 -18.18 5.05
CA GLN A 229 2.21 -18.28 5.43
C GLN A 229 1.85 -17.09 6.32
N GLN A 230 0.55 -16.82 6.47
CA GLN A 230 0.06 -15.72 7.31
C GLN A 230 0.59 -15.77 8.77
N ASP A 231 0.80 -16.98 9.32
CA ASP A 231 1.29 -17.12 10.69
C ASP A 231 2.81 -17.39 10.79
N ASP A 232 3.56 -17.20 9.70
CA ASP A 232 5.02 -17.42 9.74
C ASP A 232 5.78 -16.14 10.15
N VAL A 233 7.05 -16.28 10.57
CA VAL A 233 7.92 -15.18 10.96
C VAL A 233 9.19 -15.34 10.11
N VAL A 234 9.67 -14.24 9.53
CA VAL A 234 10.80 -14.25 8.61
C VAL A 234 12.00 -13.45 9.10
N ASP A 235 13.20 -13.91 8.75
CA ASP A 235 14.44 -13.22 8.99
C ASP A 235 15.01 -12.82 7.63
N SER A 236 15.41 -11.55 7.50
CA SER A 236 15.97 -10.97 6.29
C SER A 236 17.48 -10.80 6.49
N LEU A 237 18.30 -11.40 5.62
CA LEU A 237 19.76 -11.38 5.73
C LEU A 237 20.41 -10.78 4.47
N THR A 238 21.44 -9.97 4.67
CA THR A 238 22.15 -9.30 3.59
C THR A 238 23.67 -9.26 3.84
N THR A 239 24.47 -9.47 2.77
CA THR A 239 25.92 -9.33 2.81
C THR A 239 26.37 -8.56 1.56
N THR A 240 27.24 -7.56 1.74
CA THR A 240 27.76 -6.79 0.60
C THR A 240 28.68 -7.71 -0.21
N THR A 241 28.52 -7.75 -1.54
CA THR A 241 29.40 -8.54 -2.40
C THR A 241 30.32 -7.67 -3.27
N SER A 242 30.07 -6.35 -3.36
CA SER A 242 30.93 -5.46 -4.15
C SER A 242 32.28 -5.16 -3.47
N ASN A 259 31.87 2.97 -7.35
CA ASN A 259 30.72 3.78 -6.93
C ASN A 259 29.42 2.97 -6.76
N ASP A 260 29.34 1.78 -7.35
CA ASP A 260 28.15 0.94 -7.21
C ASP A 260 28.29 -0.01 -6.01
N SER A 261 27.17 -0.33 -5.35
CA SER A 261 27.18 -1.28 -4.24
C SER A 261 26.27 -2.44 -4.59
N GLN A 262 26.75 -3.66 -4.42
CA GLN A 262 25.97 -4.85 -4.71
C GLN A 262 25.82 -5.65 -3.43
N PHE A 263 24.66 -6.27 -3.27
CA PHE A 263 24.37 -7.07 -2.09
C PHE A 263 23.80 -8.43 -2.46
N LEU A 264 23.98 -9.42 -1.57
CA LEU A 264 23.39 -10.75 -1.72
C LEU A 264 22.35 -10.84 -0.59
N HIS A 265 21.16 -11.34 -0.90
CA HIS A 265 20.06 -11.40 0.06
C HIS A 265 19.53 -12.80 0.28
N LEU A 266 18.97 -13.04 1.47
CA LEU A 266 18.34 -14.30 1.80
C LEU A 266 17.20 -14.06 2.81
N LEU A 267 15.98 -14.53 2.49
CA LEU A 267 14.86 -14.51 3.42
C LEU A 267 14.67 -15.95 3.86
N ARG A 268 14.56 -16.20 5.16
CA ARG A 268 14.33 -17.55 5.66
C ARG A 268 13.37 -17.54 6.86
N LEU A 269 12.69 -18.67 7.15
CA LEU A 269 11.78 -18.72 8.31
C LEU A 269 12.59 -18.59 9.61
N SER A 270 12.13 -17.75 10.55
CA SER A 270 12.80 -17.43 11.81
C SER A 270 13.23 -18.62 12.66
N GLY A 271 12.42 -19.65 12.64
CA GLY A 271 12.66 -20.82 13.46
C GLY A 271 13.60 -21.83 12.86
N ASP A 272 13.07 -22.64 11.94
CA ASP A 272 13.84 -23.72 11.34
C ASP A 272 14.86 -23.29 10.26
N GLY A 273 14.79 -22.04 9.81
CA GLY A 273 15.75 -21.54 8.83
C GLY A 273 15.48 -21.99 7.40
N GLN A 274 14.24 -22.40 7.11
CA GLN A 274 13.83 -22.81 5.76
C GLN A 274 13.90 -21.59 4.79
N GLU A 275 14.62 -21.71 3.67
CA GLU A 275 14.70 -20.62 2.69
C GLU A 275 13.35 -20.32 2.01
N ILE A 276 12.94 -19.03 1.97
CA ILE A 276 11.72 -18.67 1.24
C ILE A 276 12.07 -17.87 -0.05
N ASN A 277 13.14 -17.05 0.01
CA ASN A 277 13.62 -16.26 -1.13
C ASN A 277 15.14 -16.06 -1.07
N ARG A 278 15.73 -15.78 -2.23
CA ARG A 278 17.12 -15.36 -2.34
C ARG A 278 17.16 -14.32 -3.47
N GLY A 279 18.06 -13.36 -3.37
CA GLY A 279 18.15 -12.30 -4.36
C GLY A 279 19.40 -11.48 -4.31
N THR A 280 19.51 -10.51 -5.22
CA THR A 280 20.62 -9.58 -5.30
C THR A 280 20.07 -8.19 -5.61
N THR A 281 20.76 -7.17 -5.12
CA THR A 281 20.43 -5.78 -5.44
C THR A 281 21.68 -5.02 -5.88
N LEU A 282 21.51 -4.05 -6.79
CA LEU A 282 22.57 -3.19 -7.28
C LEU A 282 22.15 -1.75 -7.01
N TRP A 283 22.98 -0.99 -6.30
CA TRP A 283 22.68 0.38 -5.93
C TRP A 283 23.72 1.35 -6.51
N ARG A 284 23.29 2.54 -6.96
CA ARG A 284 24.22 3.54 -7.48
C ARG A 284 24.23 4.78 -6.57
N LYS A 285 25.41 5.36 -6.37
CA LYS A 285 25.57 6.55 -5.53
C LYS A 285 24.76 7.73 -6.07
N LYS A 286 24.10 8.49 -5.19
CA LYS A 286 23.33 9.66 -5.62
C LYS A 286 24.25 10.80 -6.07
N GLY B 2 -8.59 14.90 -10.64
CA GLY B 2 -9.35 15.61 -9.62
C GLY B 2 -9.39 17.11 -9.84
N SER B 3 -10.29 17.79 -9.13
CA SER B 3 -10.43 19.23 -9.29
C SER B 3 -11.20 19.88 -8.16
N LEU B 4 -10.96 21.17 -7.95
CA LEU B 4 -11.74 21.99 -7.04
C LEU B 4 -13.17 22.08 -7.61
N THR B 5 -14.18 22.16 -6.73
CA THR B 5 -15.56 22.34 -7.16
C THR B 5 -15.73 23.81 -7.64
N GLU B 6 -16.90 24.17 -8.18
CA GLU B 6 -17.17 25.49 -8.71
C GLU B 6 -16.82 26.65 -7.77
N ASP B 7 -17.24 26.57 -6.50
CA ASP B 7 -16.96 27.66 -5.55
C ASP B 7 -15.53 27.70 -5.02
N GLY B 8 -14.71 26.68 -5.36
CA GLY B 8 -13.32 26.59 -4.92
C GLY B 8 -13.16 26.27 -3.44
N LEU B 9 -14.25 25.82 -2.79
CA LEU B 9 -14.25 25.52 -1.35
C LEU B 9 -14.27 24.02 -1.01
N SER B 10 -14.17 23.16 -2.01
CA SER B 10 -14.04 21.72 -1.81
C SER B 10 -13.35 21.09 -3.02
N TYR B 11 -12.93 19.83 -2.91
CA TYR B 11 -12.18 19.16 -3.97
C TYR B 11 -12.74 17.77 -4.20
N LYS B 12 -12.85 17.33 -5.46
CA LYS B 12 -13.34 15.99 -5.77
C LYS B 12 -12.35 15.23 -6.60
N GLU B 13 -12.27 13.92 -6.39
CA GLU B 13 -11.38 13.08 -7.17
C GLU B 13 -11.96 11.68 -7.28
N LYS B 14 -11.76 11.05 -8.44
CA LYS B 14 -12.22 9.68 -8.68
C LYS B 14 -11.05 8.71 -8.65
N PHE B 15 -11.29 7.51 -8.09
CA PHE B 15 -10.27 6.47 -8.00
C PHE B 15 -10.85 5.14 -8.46
N VAL B 16 -10.07 4.38 -9.24
CA VAL B 16 -10.49 3.06 -9.69
C VAL B 16 -9.83 2.08 -8.72
N VAL B 17 -10.63 1.27 -8.00
CA VAL B 17 -10.08 0.32 -7.03
C VAL B 17 -9.13 -0.73 -7.68
N ARG B 18 -7.89 -0.84 -7.17
CA ARG B 18 -6.84 -1.73 -7.69
C ARG B 18 -6.86 -3.16 -7.13
N SER B 19 -6.31 -4.12 -7.91
CA SER B 19 -6.23 -5.53 -7.53
C SER B 19 -5.64 -5.81 -6.13
N TYR B 20 -4.49 -5.18 -5.82
CA TYR B 20 -3.79 -5.35 -4.54
C TYR B 20 -4.40 -4.55 -3.37
N GLU B 21 -5.41 -3.72 -3.65
CA GLU B 21 -6.08 -2.86 -2.67
C GLU B 21 -7.28 -3.54 -2.00
N VAL B 22 -7.69 -4.73 -2.49
CA VAL B 22 -8.86 -5.43 -1.97
C VAL B 22 -8.51 -6.61 -1.09
N GLY B 23 -9.44 -6.94 -0.19
CA GLY B 23 -9.36 -8.08 0.71
C GLY B 23 -10.03 -9.32 0.16
N SER B 24 -10.30 -10.31 1.04
CA SER B 24 -10.85 -11.62 0.65
C SER B 24 -12.24 -11.58 -0.02
N ASN B 25 -13.02 -10.52 0.20
CA ASN B 25 -14.33 -10.39 -0.45
C ASN B 25 -14.28 -9.56 -1.78
N LYS B 26 -13.04 -9.25 -2.25
CA LYS B 26 -12.79 -8.51 -3.48
C LYS B 26 -13.33 -7.08 -3.42
N THR B 27 -13.37 -6.48 -2.22
CA THR B 27 -13.73 -5.08 -1.98
C THR B 27 -12.56 -4.38 -1.26
N ALA B 28 -12.46 -3.05 -1.42
CA ALA B 28 -11.38 -2.28 -0.81
C ALA B 28 -11.31 -2.46 0.69
N THR B 29 -10.11 -2.62 1.24
CA THR B 29 -9.94 -2.69 2.69
C THR B 29 -10.15 -1.28 3.28
N VAL B 30 -10.34 -1.19 4.60
CA VAL B 30 -10.47 0.11 5.25
C VAL B 30 -9.13 0.90 5.15
N GLU B 31 -7.99 0.20 5.04
CA GLU B 31 -6.70 0.88 4.91
C GLU B 31 -6.56 1.49 3.52
N THR B 32 -7.08 0.81 2.47
CA THR B 32 -7.10 1.36 1.12
C THR B 32 -7.96 2.63 1.13
N ILE B 33 -9.15 2.58 1.75
CA ILE B 33 -10.03 3.75 1.85
C ILE B 33 -9.30 4.90 2.55
N ALA B 34 -8.69 4.63 3.69
CA ALA B 34 -7.90 5.61 4.44
C ALA B 34 -6.78 6.24 3.59
N ASN B 35 -6.03 5.42 2.80
CA ASN B 35 -4.98 5.91 1.91
C ASN B 35 -5.58 6.86 0.85
N LEU B 36 -6.75 6.52 0.30
CA LEU B 36 -7.45 7.36 -0.68
C LEU B 36 -7.87 8.70 -0.05
N LEU B 37 -8.31 8.66 1.22
CA LEU B 37 -8.65 9.87 1.96
C LEU B 37 -7.42 10.79 2.08
N GLN B 38 -6.22 10.20 2.37
CA GLN B 38 -5.00 11.02 2.44
C GLN B 38 -4.68 11.62 1.09
N GLU B 39 -4.75 10.82 0.00
CA GLU B 39 -4.40 11.28 -1.35
C GLU B 39 -5.28 12.45 -1.80
N VAL B 40 -6.61 12.32 -1.62
CA VAL B 40 -7.51 13.40 -2.02
C VAL B 40 -7.27 14.67 -1.15
N GLY B 41 -6.91 14.48 0.13
CA GLY B 41 -6.55 15.57 1.04
C GLY B 41 -5.33 16.32 0.54
N CYS B 42 -4.26 15.58 0.15
CA CYS B 42 -3.03 16.17 -0.35
C CYS B 42 -3.30 16.89 -1.67
N ASN B 43 -4.13 16.30 -2.58
CA ASN B 43 -4.42 16.95 -3.85
C ASN B 43 -5.22 18.24 -3.64
N HIS B 44 -6.09 18.26 -2.62
CA HIS B 44 -6.84 19.47 -2.28
C HIS B 44 -5.85 20.59 -1.82
N ALA B 45 -4.92 20.28 -0.89
CA ALA B 45 -3.93 21.27 -0.43
C ALA B 45 -3.09 21.85 -1.59
N GLN B 46 -2.63 20.97 -2.50
CA GLN B 46 -1.87 21.39 -3.68
C GLN B 46 -2.68 22.32 -4.59
N SER B 47 -3.96 21.99 -4.82
CA SER B 47 -4.83 22.77 -5.71
C SER B 47 -5.08 24.19 -5.20
N VAL B 48 -5.01 24.40 -3.89
CA VAL B 48 -5.25 25.73 -3.32
C VAL B 48 -3.95 26.49 -3.00
N GLY B 49 -2.82 26.07 -3.58
CA GLY B 49 -1.58 26.81 -3.47
C GLY B 49 -0.53 26.41 -2.47
N PHE B 50 -0.76 25.36 -1.66
CA PHE B 50 0.26 24.91 -0.71
C PHE B 50 1.47 24.30 -1.42
N SER B 51 2.68 24.63 -0.96
CA SER B 51 3.91 24.13 -1.57
C SER B 51 4.16 22.65 -1.27
N THR B 52 4.89 21.97 -2.15
CA THR B 52 5.23 20.56 -1.95
C THR B 52 6.42 20.47 -0.98
N ALA B 56 2.14 22.25 2.40
CA ALA B 56 1.33 21.76 3.52
C ALA B 56 1.21 22.71 4.72
N THR B 57 1.88 23.85 4.67
CA THR B 57 1.88 24.81 5.79
C THR B 57 1.66 26.23 5.26
N THR B 58 1.01 27.09 6.04
CA THR B 58 0.81 28.48 5.64
C THR B 58 2.12 29.29 5.87
N THR B 59 2.16 30.57 5.44
CA THR B 59 3.36 31.39 5.64
C THR B 59 3.71 31.53 7.13
N THR B 60 2.73 31.84 8.01
CA THR B 60 3.00 31.98 9.44
C THR B 60 3.43 30.62 10.06
N MET B 61 2.86 29.50 9.58
CA MET B 61 3.24 28.18 10.10
C MET B 61 4.72 27.84 9.83
N ARG B 62 5.20 27.97 8.58
CA ARG B 62 6.59 27.67 8.27
C ARG B 62 7.58 28.57 9.05
N LYS B 63 7.19 29.81 9.35
CA LYS B 63 8.00 30.75 10.14
C LYS B 63 8.13 30.25 11.59
N LEU B 64 7.02 29.79 12.19
CA LEU B 64 7.04 29.27 13.57
C LEU B 64 7.34 27.76 13.65
N HIS B 65 7.69 27.11 12.53
CA HIS B 65 7.98 25.66 12.48
C HIS B 65 6.79 24.82 13.00
N LEU B 66 5.57 25.20 12.62
CA LEU B 66 4.37 24.48 13.02
C LEU B 66 3.83 23.65 11.86
N ILE B 67 3.22 22.53 12.20
CA ILE B 67 2.56 21.62 11.26
C ILE B 67 1.18 21.23 11.81
N TRP B 68 0.29 20.76 10.91
CA TRP B 68 -0.97 20.15 11.30
C TRP B 68 -0.64 18.67 11.56
N VAL B 69 -1.20 18.11 12.62
CA VAL B 69 -1.06 16.71 12.98
C VAL B 69 -2.46 16.16 13.34
N THR B 70 -2.74 14.90 12.98
CA THR B 70 -4.05 14.30 13.26
C THR B 70 -4.17 13.94 14.75
N ALA B 71 -5.23 14.41 15.39
CA ALA B 71 -5.52 14.04 16.77
C ALA B 71 -6.55 12.90 16.76
N ARG B 72 -7.51 12.90 15.79
CA ARG B 72 -8.55 11.88 15.74
C ARG B 72 -9.01 11.64 14.30
N MET B 73 -9.29 10.37 13.97
CA MET B 73 -9.80 9.98 12.67
C MET B 73 -11.07 9.13 12.91
N HIS B 74 -12.16 9.42 12.20
CA HIS B 74 -13.42 8.69 12.35
C HIS B 74 -13.94 8.35 10.97
N ILE B 75 -14.11 7.04 10.68
CA ILE B 75 -14.59 6.59 9.37
C ILE B 75 -15.83 5.67 9.48
N GLU B 76 -16.86 5.92 8.66
N GLU B 76 -16.86 5.92 8.66
N GLU B 76 -16.86 5.92 8.66
CA GLU B 76 -18.03 5.07 8.61
CA GLU B 76 -18.04 5.08 8.59
CA GLU B 76 -18.03 5.07 8.61
C GLU B 76 -18.23 4.62 7.16
C GLU B 76 -18.23 4.62 7.15
C GLU B 76 -18.23 4.62 7.16
N ILE B 77 -18.25 3.30 6.93
CA ILE B 77 -18.43 2.76 5.58
C ILE B 77 -19.76 2.00 5.51
N TYR B 78 -20.60 2.34 4.53
CA TYR B 78 -21.87 1.65 4.29
C TYR B 78 -21.65 0.53 3.27
N LYS B 79 -20.85 0.79 2.21
CA LYS B 79 -20.50 -0.22 1.20
C LYS B 79 -19.05 -0.04 0.76
N TYR B 80 -18.25 -1.10 0.82
CA TYR B 80 -16.85 -1.02 0.36
C TYR B 80 -16.87 -1.21 -1.15
N PRO B 81 -16.25 -0.32 -1.92
CA PRO B 81 -16.25 -0.48 -3.38
C PRO B 81 -15.52 -1.73 -3.83
N ALA B 82 -16.01 -2.38 -4.88
CA ALA B 82 -15.42 -3.59 -5.41
C ALA B 82 -14.17 -3.28 -6.26
N TRP B 83 -13.31 -4.29 -6.44
CA TRP B 83 -12.13 -4.25 -7.32
C TRP B 83 -12.59 -3.79 -8.74
N GLY B 84 -12.01 -2.71 -9.26
CA GLY B 84 -12.41 -2.20 -10.57
C GLY B 84 -13.50 -1.13 -10.54
N ASP B 85 -14.19 -0.98 -9.39
CA ASP B 85 -15.22 0.05 -9.27
C ASP B 85 -14.58 1.43 -9.18
N VAL B 86 -15.36 2.45 -9.53
CA VAL B 86 -14.88 3.83 -9.44
C VAL B 86 -15.55 4.51 -8.24
N VAL B 87 -14.76 4.99 -7.30
CA VAL B 87 -15.29 5.70 -6.14
C VAL B 87 -14.97 7.20 -6.27
N GLU B 88 -15.95 8.09 -5.99
CA GLU B 88 -15.68 9.52 -6.03
C GLU B 88 -15.61 10.07 -4.61
N ILE B 89 -14.55 10.80 -4.27
CA ILE B 89 -14.41 11.33 -2.91
C ILE B 89 -14.39 12.85 -2.91
N GLU B 90 -15.23 13.48 -2.09
CA GLU B 90 -15.23 14.94 -1.97
C GLU B 90 -14.67 15.30 -0.59
N THR B 91 -13.77 16.28 -0.51
CA THR B 91 -13.17 16.67 0.76
C THR B 91 -13.16 18.19 0.95
N TRP B 92 -13.20 18.64 2.20
CA TRP B 92 -13.15 20.06 2.54
C TRP B 92 -12.63 20.22 3.96
N CYS B 93 -12.22 21.44 4.30
CA CYS B 93 -11.74 21.76 5.63
C CYS B 93 -12.60 22.84 6.26
N GLN B 94 -12.59 22.91 7.59
CA GLN B 94 -13.32 23.92 8.33
C GLN B 94 -12.49 24.33 9.56
N SER B 95 -12.47 25.62 9.85
CA SER B 95 -11.79 26.12 11.03
C SER B 95 -12.61 25.71 12.24
N GLU B 96 -11.94 25.35 13.31
CA GLU B 96 -12.60 25.10 14.57
C GLU B 96 -12.04 26.10 15.58
N GLY B 97 -12.06 27.38 15.19
CA GLY B 97 -11.57 28.51 15.99
C GLY B 97 -10.12 28.34 16.38
N ARG B 98 -9.81 28.58 17.65
CA ARG B 98 -8.44 28.40 18.15
C ARG B 98 -8.12 26.94 18.52
N ILE B 99 -9.09 26.02 18.51
CA ILE B 99 -8.84 24.62 18.90
C ILE B 99 -8.00 23.88 17.87
N GLY B 100 -8.37 24.03 16.61
CA GLY B 100 -7.70 23.33 15.53
C GLY B 100 -8.49 23.41 14.25
N THR B 101 -8.33 22.39 13.44
CA THR B 101 -8.94 22.31 12.12
C THR B 101 -9.60 20.95 11.95
N ARG B 102 -10.60 20.88 11.09
CA ARG B 102 -11.27 19.63 10.79
C ARG B 102 -11.21 19.38 9.28
N ARG B 103 -10.94 18.14 8.84
CA ARG B 103 -11.04 17.81 7.42
C ARG B 103 -12.12 16.74 7.34
N ASP B 104 -13.11 16.91 6.46
CA ASP B 104 -14.19 15.95 6.27
C ASP B 104 -14.17 15.35 4.86
N TRP B 105 -14.73 14.15 4.70
CA TRP B 105 -14.82 13.50 3.40
C TRP B 105 -16.18 12.84 3.21
N ILE B 106 -16.63 12.75 1.94
CA ILE B 106 -17.85 12.04 1.54
C ILE B 106 -17.45 11.10 0.39
N LEU B 107 -17.73 9.80 0.53
N LEU B 107 -17.74 9.80 0.53
N LEU B 107 -17.73 9.80 0.53
CA LEU B 107 -17.42 8.82 -0.51
CA LEU B 107 -17.42 8.83 -0.51
CA LEU B 107 -17.42 8.82 -0.51
C LEU B 107 -18.71 8.43 -1.22
C LEU B 107 -18.70 8.44 -1.23
C LEU B 107 -18.71 8.43 -1.22
N LYS B 108 -18.68 8.42 -2.55
CA LYS B 108 -19.87 8.05 -3.35
C LYS B 108 -19.51 7.02 -4.42
N ASP B 109 -20.47 6.18 -4.78
CA ASP B 109 -20.30 5.23 -5.88
C ASP B 109 -20.45 6.12 -7.15
N SER B 110 -19.44 6.17 -8.02
CA SER B 110 -19.49 7.04 -9.20
C SER B 110 -20.63 6.68 -10.18
N VAL B 111 -20.98 5.40 -10.25
CA VAL B 111 -22.01 4.92 -11.16
C VAL B 111 -23.44 5.22 -10.65
N THR B 112 -23.71 5.05 -9.35
CA THR B 112 -25.05 5.28 -8.80
C THR B 112 -25.26 6.64 -8.13
N GLY B 113 -24.17 7.28 -7.73
CA GLY B 113 -24.21 8.57 -7.04
C GLY B 113 -24.59 8.48 -5.57
N GLU B 114 -24.79 7.25 -5.05
CA GLU B 114 -25.17 7.06 -3.66
C GLU B 114 -23.96 7.18 -2.72
N VAL B 115 -24.21 7.72 -1.51
CA VAL B 115 -23.16 7.87 -0.52
C VAL B 115 -22.85 6.49 0.03
N THR B 116 -21.62 6.04 -0.12
CA THR B 116 -21.18 4.73 0.35
C THR B 116 -20.28 4.84 1.62
N GLY B 117 -19.92 6.05 2.02
CA GLY B 117 -19.14 6.26 3.22
C GLY B 117 -18.91 7.72 3.56
N ARG B 118 -18.45 7.99 4.79
N ARG B 118 -18.44 7.98 4.78
N ARG B 118 -18.42 7.98 4.77
CA ARG B 118 -18.12 9.34 5.23
CA ARG B 118 -18.12 9.34 5.23
CA ARG B 118 -18.10 9.33 5.23
C ARG B 118 -17.03 9.30 6.31
C ARG B 118 -17.03 9.30 6.31
C ARG B 118 -17.01 9.29 6.29
N ALA B 119 -16.23 10.36 6.36
CA ALA B 119 -15.13 10.44 7.35
C ALA B 119 -14.93 11.84 7.88
N THR B 120 -14.37 11.94 9.08
CA THR B 120 -14.08 13.22 9.69
C THR B 120 -12.80 13.10 10.51
N SER B 121 -11.99 14.15 10.48
CA SER B 121 -10.72 14.13 11.21
C SER B 121 -10.48 15.44 11.91
N LYS B 122 -9.94 15.37 13.14
CA LYS B 122 -9.59 16.53 13.95
C LYS B 122 -8.09 16.68 13.94
N TRP B 123 -7.62 17.87 13.56
CA TRP B 123 -6.22 18.20 13.47
C TRP B 123 -5.89 19.32 14.47
N VAL B 124 -4.68 19.29 15.02
CA VAL B 124 -4.18 20.31 15.95
C VAL B 124 -2.79 20.79 15.49
N MET B 125 -2.43 22.00 15.90
CA MET B 125 -1.15 22.58 15.54
C MET B 125 -0.08 22.00 16.46
N MET B 126 1.12 21.78 15.94
CA MET B 126 2.21 21.26 16.73
C MET B 126 3.53 21.79 16.24
N ASN B 127 4.46 22.10 17.17
CA ASN B 127 5.80 22.49 16.76
C ASN B 127 6.49 21.24 16.24
N GLN B 128 6.99 21.28 15.00
CA GLN B 128 7.67 20.17 14.30
C GLN B 128 8.89 19.61 15.06
N ASP B 129 9.58 20.47 15.80
CA ASP B 129 10.84 20.13 16.48
C ASP B 129 10.67 19.64 17.92
N THR B 130 9.89 20.36 18.75
CA THR B 130 9.67 19.99 20.15
C THR B 130 8.48 19.04 20.37
N ARG B 131 7.60 18.88 19.36
CA ARG B 131 6.36 18.10 19.41
C ARG B 131 5.33 18.68 20.39
N ARG B 132 5.45 19.96 20.76
CA ARG B 132 4.50 20.59 21.68
C ARG B 132 3.27 21.14 20.98
N LEU B 133 2.10 20.75 21.46
CA LEU B 133 0.83 21.19 20.90
C LEU B 133 0.59 22.66 21.17
N GLN B 134 -0.10 23.32 20.26
CA GLN B 134 -0.45 24.72 20.40
C GLN B 134 -1.88 24.98 19.91
N LYS B 135 -2.43 26.15 20.25
CA LYS B 135 -3.72 26.61 19.73
C LYS B 135 -3.47 27.22 18.33
N VAL B 136 -4.53 27.42 17.54
CA VAL B 136 -4.40 28.04 16.24
C VAL B 136 -4.40 29.55 16.42
N SER B 137 -3.27 30.18 16.07
CA SER B 137 -3.16 31.63 16.20
C SER B 137 -4.08 32.37 15.23
N ASP B 138 -4.37 33.62 15.55
CA ASP B 138 -5.17 34.53 14.76
C ASP B 138 -4.67 34.63 13.33
N ASP B 139 -3.35 34.81 13.16
CA ASP B 139 -2.69 34.92 11.87
C ASP B 139 -2.78 33.68 11.01
N VAL B 140 -2.61 32.48 11.59
CA VAL B 140 -2.66 31.24 10.81
C VAL B 140 -4.07 31.00 10.26
N ARG B 141 -5.09 31.21 11.09
CA ARG B 141 -6.50 31.04 10.72
C ARG B 141 -6.87 31.98 9.57
N ASP B 142 -6.44 33.24 9.62
CA ASP B 142 -6.73 34.20 8.56
C ASP B 142 -6.15 33.75 7.22
N GLU B 143 -4.98 33.10 7.25
CA GLU B 143 -4.33 32.57 6.07
C GLU B 143 -5.04 31.38 5.43
N TYR B 144 -5.70 30.48 6.20
CA TYR B 144 -6.34 29.31 5.56
C TYR B 144 -7.89 29.38 5.50
N LEU B 145 -8.51 30.34 6.22
CA LEU B 145 -9.97 30.53 6.24
C LEU B 145 -10.55 30.76 4.83
N VAL B 146 -9.79 31.45 3.96
CA VAL B 146 -10.22 31.72 2.58
C VAL B 146 -10.32 30.45 1.70
N PHE B 147 -9.86 29.30 2.19
CA PHE B 147 -9.94 28.02 1.46
C PHE B 147 -11.03 27.08 2.04
N CYS B 148 -11.83 27.56 3.02
CA CYS B 148 -12.85 26.79 3.72
C CYS B 148 -14.24 27.39 3.52
N PRO B 149 -15.30 26.54 3.52
CA PRO B 149 -16.66 27.11 3.64
C PRO B 149 -16.77 27.77 5.03
N GLN B 150 -17.36 28.97 5.13
CA GLN B 150 -17.37 29.67 6.43
C GLN B 150 -18.62 29.35 7.29
N GLU B 151 -19.71 28.92 6.65
CA GLU B 151 -20.87 28.42 7.38
C GLU B 151 -20.63 26.90 7.63
N PRO B 152 -21.26 26.29 8.64
CA PRO B 152 -21.02 24.86 8.90
C PRO B 152 -21.33 23.93 7.73
N ARG B 153 -20.45 22.95 7.53
CA ARG B 153 -20.60 21.89 6.54
C ARG B 153 -19.99 20.64 7.17
N LEU B 154 -20.84 19.78 7.71
CA LEU B 154 -20.37 18.62 8.46
C LEU B 154 -20.69 17.31 7.75
N ALA B 155 -19.70 16.42 7.64
CA ALA B 155 -19.94 15.07 7.09
C ALA B 155 -20.80 14.27 8.09
N PHE B 156 -20.67 14.55 9.42
CA PHE B 156 -21.45 13.92 10.49
C PHE B 156 -22.23 14.99 11.25
N PRO B 157 -23.34 15.45 10.67
CA PRO B 157 -24.09 16.53 11.31
C PRO B 157 -24.87 16.11 12.57
N GLU B 158 -25.56 14.96 12.54
CA GLU B 158 -26.40 14.44 13.64
C GLU B 158 -25.86 14.70 15.05
N GLU B 159 -26.76 15.04 15.99
CA GLU B 159 -26.34 15.27 17.38
C GLU B 159 -26.04 13.93 18.07
N ASN B 160 -25.09 13.93 19.02
CA ASN B 160 -24.67 12.74 19.74
C ASN B 160 -24.19 11.63 18.80
N ASN B 161 -23.57 12.00 17.67
CA ASN B 161 -23.06 11.00 16.73
C ASN B 161 -21.77 10.34 17.22
N ARG B 162 -21.41 9.16 16.66
CA ARG B 162 -20.24 8.38 17.05
C ARG B 162 -18.87 9.09 16.95
N SER B 163 -18.73 10.10 16.06
CA SER B 163 -17.44 10.79 15.88
C SER B 163 -16.99 11.64 17.04
N LEU B 164 -17.91 12.01 17.95
CA LEU B 164 -17.58 12.86 19.10
C LEU B 164 -17.59 12.10 20.44
N LYS B 165 -17.67 10.77 20.43
CA LYS B 165 -17.72 10.00 21.67
C LYS B 165 -16.35 9.88 22.34
N LYS B 166 -16.31 10.00 23.67
CA LYS B 166 -15.07 9.89 24.43
C LYS B 166 -14.68 8.40 24.52
N ILE B 167 -13.40 8.07 24.25
CA ILE B 167 -12.95 6.68 24.30
C ILE B 167 -12.17 6.35 25.57
N PRO B 168 -12.60 5.33 26.33
CA PRO B 168 -11.88 4.99 27.57
C PRO B 168 -10.59 4.18 27.33
N LYS B 169 -9.76 4.05 28.37
CA LYS B 169 -8.53 3.29 28.24
C LYS B 169 -8.77 1.83 28.61
N LEU B 170 -8.39 0.91 27.70
CA LEU B 170 -8.51 -0.54 27.87
C LEU B 170 -7.76 -0.96 29.14
N GLU B 171 -8.40 -1.80 29.97
CA GLU B 171 -7.78 -2.29 31.21
C GLU B 171 -7.17 -3.68 31.00
N ASP B 172 -5.99 -3.92 31.56
CA ASP B 172 -5.35 -5.24 31.46
C ASP B 172 -6.10 -6.21 32.41
N PRO B 173 -6.32 -7.48 32.01
CA PRO B 173 -5.88 -8.10 30.76
C PRO B 173 -6.79 -7.86 29.55
N ALA B 174 -6.19 -7.72 28.36
CA ALA B 174 -6.96 -7.57 27.13
C ALA B 174 -7.52 -8.95 26.74
N GLN B 175 -8.68 -8.99 26.06
CA GLN B 175 -9.26 -10.25 25.62
C GLN B 175 -8.41 -10.86 24.50
N TYR B 176 -7.95 -10.00 23.56
CA TYR B 176 -7.12 -10.44 22.43
C TYR B 176 -5.89 -9.53 22.28
N SER B 177 -4.82 -10.04 21.65
CA SER B 177 -3.64 -9.22 21.45
C SER B 177 -2.78 -9.69 20.26
N MET B 178 -2.02 -8.76 19.69
CA MET B 178 -1.04 -9.05 18.65
C MET B 178 0.19 -8.25 19.12
N ILE B 179 1.28 -8.93 19.42
CA ILE B 179 2.43 -8.22 19.97
C ILE B 179 3.65 -8.27 19.04
N GLY B 180 4.57 -7.34 19.26
CA GLY B 180 5.80 -7.28 18.49
C GLY B 180 5.66 -6.67 17.12
N LEU B 181 4.62 -5.86 16.88
CA LEU B 181 4.41 -5.21 15.58
C LEU B 181 5.49 -4.12 15.36
N LYS B 182 6.11 -4.08 14.17
CA LYS B 182 7.18 -3.11 13.87
C LYS B 182 6.92 -2.54 12.48
N PRO B 183 7.14 -1.22 12.27
CA PRO B 183 7.00 -0.68 10.91
C PRO B 183 8.17 -1.05 10.00
N ARG B 184 7.87 -1.32 8.72
CA ARG B 184 8.95 -1.49 7.74
C ARG B 184 9.02 -0.18 6.89
N ARG B 185 9.95 -0.05 5.93
CA ARG B 185 10.07 1.19 5.15
C ARG B 185 8.82 1.58 4.40
N ALA B 186 8.04 0.59 3.90
CA ALA B 186 6.78 0.87 3.21
C ALA B 186 5.75 1.54 4.12
N ASP B 187 5.88 1.37 5.45
CA ASP B 187 4.96 2.03 6.40
C ASP B 187 5.31 3.49 6.63
N LEU B 188 6.47 3.98 6.15
CA LEU B 188 6.87 5.36 6.36
C LEU B 188 6.39 6.27 5.23
N ASP B 189 6.16 7.54 5.54
CA ASP B 189 5.77 8.55 4.57
C ASP B 189 7.02 9.27 4.00
N MET B 190 6.81 10.28 3.11
CA MET B 190 7.92 11.04 2.51
C MET B 190 8.78 11.77 3.56
N ASN B 191 8.26 11.99 4.78
CA ASN B 191 9.04 12.65 5.84
C ASN B 191 9.70 11.65 6.83
N GLN B 192 9.65 10.34 6.52
CA GLN B 192 10.21 9.25 7.33
C GLN B 192 9.50 9.06 8.66
N HIS B 193 8.21 9.44 8.73
CA HIS B 193 7.38 9.21 9.89
C HIS B 193 6.46 8.05 9.56
N VAL B 194 6.00 7.30 10.56
CA VAL B 194 5.05 6.22 10.33
C VAL B 194 3.72 6.81 9.79
N ASN B 195 3.27 6.31 8.63
CA ASN B 195 2.02 6.78 8.00
C ASN B 195 0.82 6.57 8.96
N ASN B 196 -0.08 7.55 9.08
CA ASN B 196 -1.25 7.43 9.95
C ASN B 196 -2.11 6.19 9.71
N VAL B 197 -2.13 5.69 8.46
CA VAL B 197 -2.91 4.51 8.06
C VAL B 197 -2.33 3.23 8.66
N THR B 198 -1.00 3.15 8.84
CA THR B 198 -0.36 1.99 9.47
C THR B 198 -0.96 1.70 10.89
N TYR B 199 -1.26 2.78 11.65
CA TYR B 199 -1.84 2.61 12.98
C TYR B 199 -3.22 1.95 12.91
N ILE B 200 -4.02 2.24 11.84
CA ILE B 200 -5.32 1.61 11.64
C ILE B 200 -5.10 0.09 11.45
N GLY B 201 -4.15 -0.27 10.59
CA GLY B 201 -3.80 -1.69 10.38
C GLY B 201 -3.39 -2.39 11.66
N TRP B 202 -2.54 -1.74 12.49
CA TRP B 202 -2.08 -2.32 13.75
C TRP B 202 -3.24 -2.53 14.72
N VAL B 203 -4.17 -1.57 14.82
CA VAL B 203 -5.37 -1.70 15.66
C VAL B 203 -6.16 -2.96 15.25
N LEU B 204 -6.39 -3.12 13.93
CA LEU B 204 -7.15 -4.24 13.38
C LEU B 204 -6.46 -5.60 13.50
N GLU B 205 -5.12 -5.62 13.66
CA GLU B 205 -4.40 -6.89 13.79
C GLU B 205 -4.81 -7.73 15.00
N SER B 206 -5.29 -7.09 16.07
CA SER B 206 -5.72 -7.84 17.26
C SER B 206 -7.21 -8.28 17.22
N ILE B 207 -7.92 -8.01 16.13
CA ILE B 207 -9.29 -8.48 15.96
C ILE B 207 -9.14 -9.93 15.45
N PRO B 208 -9.81 -10.90 16.08
CA PRO B 208 -9.69 -12.30 15.60
C PRO B 208 -10.13 -12.45 14.13
N GLN B 209 -9.45 -13.33 13.39
CA GLN B 209 -9.74 -13.57 11.98
C GLN B 209 -11.19 -14.00 11.72
N GLU B 210 -11.81 -14.72 12.67
CA GLU B 210 -13.21 -15.18 12.54
C GLU B 210 -14.16 -14.01 12.47
N ILE B 211 -13.92 -12.95 13.27
CA ILE B 211 -14.72 -11.74 13.21
C ILE B 211 -14.57 -11.10 11.83
N VAL B 212 -13.33 -10.97 11.34
CA VAL B 212 -13.07 -10.41 10.01
C VAL B 212 -13.75 -11.22 8.89
N ASP B 213 -13.73 -12.56 8.99
CA ASP B 213 -14.34 -13.45 8.01
C ASP B 213 -15.89 -13.44 8.00
N THR B 214 -16.52 -13.11 9.13
CA THR B 214 -17.98 -13.14 9.24
C THR B 214 -18.67 -11.78 9.38
N HIS B 215 -17.88 -10.72 9.60
CA HIS B 215 -18.42 -9.38 9.75
C HIS B 215 -17.76 -8.39 8.81
N GLU B 216 -18.41 -7.25 8.60
CA GLU B 216 -17.86 -6.15 7.86
C GLU B 216 -17.67 -4.99 8.84
N LEU B 217 -16.54 -4.30 8.75
CA LEU B 217 -16.26 -3.15 9.61
C LEU B 217 -17.13 -1.97 9.15
N GLN B 218 -18.02 -1.51 10.03
CA GLN B 218 -18.88 -0.38 9.72
C GLN B 218 -18.32 0.96 10.21
N VAL B 219 -17.73 1.02 11.42
CA VAL B 219 -17.25 2.27 11.99
C VAL B 219 -15.91 2.04 12.69
N ILE B 220 -14.99 3.01 12.59
CA ILE B 220 -13.72 3.01 13.30
C ILE B 220 -13.42 4.43 13.80
N THR B 221 -13.17 4.58 15.11
CA THR B 221 -12.78 5.86 15.71
C THR B 221 -11.40 5.65 16.31
N LEU B 222 -10.44 6.50 15.96
CA LEU B 222 -9.07 6.34 16.45
C LEU B 222 -8.45 7.63 16.91
N ASP B 223 -8.01 7.69 18.19
CA ASP B 223 -7.29 8.83 18.77
C ASP B 223 -5.78 8.59 18.60
N TYR B 224 -5.03 9.61 18.21
CA TYR B 224 -3.58 9.52 18.00
C TYR B 224 -2.96 10.32 19.16
N ARG B 225 -2.32 9.63 20.08
CA ARG B 225 -1.76 10.27 21.29
C ARG B 225 -0.26 10.58 21.19
N ARG B 226 0.48 9.66 20.58
CA ARG B 226 1.92 9.73 20.46
C ARG B 226 2.35 8.93 19.23
N GLU B 227 3.44 9.36 18.59
CA GLU B 227 3.94 8.67 17.41
C GLU B 227 4.76 7.42 17.75
N CYS B 228 4.70 6.45 16.85
CA CYS B 228 5.55 5.27 16.90
C CYS B 228 6.76 5.69 16.04
N GLN B 229 7.96 5.64 16.61
CA GLN B 229 9.16 5.96 15.85
C GLN B 229 9.53 4.75 14.97
N GLN B 230 10.39 4.96 13.97
CA GLN B 230 10.83 3.89 13.06
C GLN B 230 11.45 2.69 13.79
N ASP B 231 12.14 2.91 14.92
CA ASP B 231 12.76 1.82 15.69
C ASP B 231 11.93 1.33 16.90
N ASP B 232 10.64 1.73 16.98
CA ASP B 232 9.79 1.29 18.09
C ASP B 232 9.07 -0.06 17.76
N VAL B 233 8.56 -0.73 18.79
CA VAL B 233 7.83 -2.00 18.65
C VAL B 233 6.50 -1.77 19.39
N VAL B 234 5.39 -2.18 18.77
CA VAL B 234 4.04 -1.94 19.29
C VAL B 234 3.28 -3.22 19.62
N ASP B 235 2.43 -3.16 20.67
CA ASP B 235 1.50 -4.22 21.03
C ASP B 235 0.10 -3.68 20.79
N SER B 236 -0.72 -4.46 20.11
CA SER B 236 -2.10 -4.13 19.76
C SER B 236 -3.03 -4.95 20.66
N LEU B 237 -3.90 -4.28 21.43
CA LEU B 237 -4.80 -4.93 22.39
C LEU B 237 -6.27 -4.62 22.07
N THR B 238 -7.13 -5.61 22.22
CA THR B 238 -8.55 -5.50 21.94
C THR B 238 -9.41 -6.27 22.96
N THR B 239 -10.56 -5.69 23.36
CA THR B 239 -11.53 -6.34 24.23
C THR B 239 -12.92 -6.06 23.67
N THR B 240 -13.76 -7.10 23.58
CA THR B 240 -15.13 -6.92 23.09
C THR B 240 -15.92 -6.13 24.14
N THR B 241 -16.67 -5.10 23.75
CA THR B 241 -17.50 -4.34 24.69
C THR B 241 -19.00 -4.57 24.47
N SER B 242 -19.40 -5.17 23.34
CA SER B 242 -20.82 -5.44 23.08
C SER B 242 -21.38 -6.60 23.91
N ASP B 260 -24.60 -6.76 16.02
CA ASP B 260 -23.41 -5.94 15.90
C ASP B 260 -22.37 -6.30 16.97
N SER B 261 -21.08 -6.17 16.63
CA SER B 261 -20.01 -6.42 17.58
C SER B 261 -19.19 -5.15 17.73
N GLN B 262 -18.93 -4.74 18.98
CA GLN B 262 -18.15 -3.55 19.25
C GLN B 262 -16.92 -3.94 20.03
N PHE B 263 -15.82 -3.25 19.76
CA PHE B 263 -14.55 -3.54 20.44
C PHE B 263 -13.91 -2.25 20.95
N LEU B 264 -13.07 -2.39 21.98
CA LEU B 264 -12.28 -1.29 22.52
C LEU B 264 -10.82 -1.66 22.17
N HIS B 265 -10.05 -0.70 21.67
CA HIS B 265 -8.68 -0.94 21.24
C HIS B 265 -7.66 -0.09 21.96
N LEU B 266 -6.43 -0.58 22.04
CA LEU B 266 -5.33 0.15 22.61
C LEU B 266 -4.01 -0.29 21.93
N LEU B 267 -3.24 0.69 21.41
CA LEU B 267 -1.91 0.41 20.89
C LEU B 267 -0.94 1.01 21.91
N ARG B 268 0.07 0.25 22.33
CA ARG B 268 1.05 0.78 23.26
C ARG B 268 2.46 0.26 22.92
N LEU B 269 3.52 0.97 23.36
CA LEU B 269 4.89 0.51 23.08
C LEU B 269 5.16 -0.80 23.83
N SER B 270 5.76 -1.79 23.15
CA SER B 270 6.02 -3.14 23.67
C SER B 270 6.74 -3.22 25.00
N GLY B 271 7.65 -2.30 25.22
CA GLY B 271 8.47 -2.33 26.42
C GLY B 271 7.84 -1.64 27.60
N ASP B 272 7.90 -0.30 27.62
CA ASP B 272 7.41 0.48 28.75
C ASP B 272 5.88 0.62 28.83
N GLY B 273 5.15 0.23 27.79
CA GLY B 273 3.70 0.29 27.82
C GLY B 273 3.11 1.67 27.62
N GLN B 274 3.89 2.59 27.04
CA GLN B 274 3.44 3.95 26.75
C GLN B 274 2.32 3.91 25.69
N GLU B 275 1.16 4.52 25.98
CA GLU B 275 0.04 4.57 25.01
C GLU B 275 0.38 5.38 23.75
N ILE B 276 0.13 4.83 22.55
CA ILE B 276 0.32 5.60 21.32
C ILE B 276 -1.05 5.92 20.66
N ASN B 277 -2.02 5.00 20.79
CA ASN B 277 -3.38 5.18 20.24
C ASN B 277 -4.41 4.45 21.10
N ARG B 278 -5.66 4.89 21.01
CA ARG B 278 -6.80 4.21 21.59
C ARG B 278 -7.96 4.40 20.60
N GLY B 279 -8.85 3.43 20.52
CA GLY B 279 -9.95 3.50 19.57
C GLY B 279 -11.06 2.51 19.82
N THR B 280 -12.09 2.55 18.96
CA THR B 280 -13.23 1.65 19.00
C THR B 280 -13.60 1.26 17.57
N THR B 281 -14.11 0.05 17.41
CA THR B 281 -14.62 -0.39 16.11
C THR B 281 -16.02 -0.99 16.29
N LEU B 282 -16.87 -0.83 15.26
CA LEU B 282 -18.21 -1.39 15.22
C LEU B 282 -18.31 -2.26 13.96
N TRP B 283 -18.68 -3.53 14.14
CA TRP B 283 -18.76 -4.48 13.04
C TRP B 283 -20.19 -5.02 12.88
N ARG B 284 -20.65 -5.17 11.61
CA ARG B 284 -21.98 -5.69 11.26
C ARG B 284 -21.87 -7.12 10.69
N LYS B 285 -22.74 -8.05 11.13
CA LYS B 285 -22.74 -9.43 10.61
C LYS B 285 -23.02 -9.44 9.10
N LYS B 286 -22.31 -10.28 8.33
CA LYS B 286 -22.53 -10.35 6.89
C LYS B 286 -23.87 -11.03 6.56
C4 O1D C . -2.17 -13.01 -15.46
C5 O1D C . -2.60 -14.00 -17.62
C6 O1D C . -2.29 -13.72 -19.08
C7 O1D C . -2.69 -12.54 -19.67
C8 O1D C . -2.40 -12.27 -21.00
C10 O1D C . -1.36 -14.40 -21.19
N O1D C . -2.95 -15.06 -12.51
C O1D C . -2.66 -13.97 -13.30
O O1D C . -1.85 -13.10 -16.79
C1 O1D C . -2.68 -12.68 -12.76
C11 O1D C . -1.64 -14.66 -19.86
C12 O1D C . -2.40 -14.13 -14.65
C2 O1D C . -2.39 -11.59 -13.55
C3 O1D C . -2.10 -11.75 -14.90
C9 O1D C . -1.74 -13.20 -21.77
C4 O1D D . 2.33 -10.01 -11.16
C5 O1D D . 4.71 -10.51 -10.96
C6 O1D D . 5.24 -9.71 -9.80
C7 O1D D . 4.84 -8.39 -9.60
C8 O1D D . 5.35 -7.68 -8.52
C10 O1D D . 6.69 -9.54 -7.88
N O1D D . 0.38 -11.16 -8.27
C O1D D . 0.69 -10.66 -9.51
O O1D D . 3.61 -9.83 -11.61
C1 O1D D . -0.32 -10.30 -10.40
C11 O1D D . 6.18 -10.26 -8.95
C12 O1D D . 2.02 -10.49 -9.89
C2 O1D D . 0.01 -9.78 -11.65
C3 O1D D . 1.32 -9.67 -12.05
C9 O1D D . 6.27 -8.25 -7.68
S SO4 E . 1.08 -14.77 -16.50
O1 SO4 E . 2.28 -15.41 -15.98
O2 SO4 E . 1.20 -14.57 -17.94
O3 SO4 E . -0.05 -15.68 -16.22
O4 SO4 E . 0.83 -13.45 -15.86
S SO4 F . 13.38 2.45 -2.90
O1 SO4 F . 14.41 1.49 -2.45
O2 SO4 F . 13.54 2.76 -4.31
O3 SO4 F . 12.05 1.89 -2.63
O4 SO4 F . 13.62 3.71 -2.16
S SO4 G . 6.09 -22.03 -28.16
O1 SO4 G . 7.21 -21.95 -27.21
O2 SO4 G . 6.23 -23.21 -29.00
O3 SO4 G . 4.88 -22.04 -27.32
O4 SO4 G . 6.11 -20.81 -29.00
C4 O1D H . -4.90 13.03 5.96
C5 O1D H . -6.13 12.29 7.92
C6 O1D H . -6.04 10.79 7.99
C7 O1D H . -5.88 10.16 9.22
C8 O1D H . -5.79 8.78 9.30
C10 O1D H . -5.98 8.63 6.94
N O1D H . -1.32 12.31 6.18
C O1D H . -2.51 12.80 5.72
O O1D H . -6.11 12.78 6.56
C1 O1D H . -2.57 13.60 4.57
C11 O1D H . -6.10 10.02 6.85
C12 O1D H . -3.69 12.50 6.40
C2 O1D H . -3.78 14.11 4.14
C3 O1D H . -4.94 13.84 4.84
C9 O1D H . -5.83 8.02 8.16
C4 O1D I . -3.58 19.55 4.17
C5 O1D I . -4.33 21.86 4.08
C6 O1D I . -5.59 22.63 3.73
C7 O1D I . -6.16 22.51 2.47
C8 O1D I . -7.31 23.20 2.16
C10 O1D I . -7.32 24.19 4.33
N O1D I . -0.38 18.91 5.86
C O1D I . -1.48 18.74 5.05
O O1D I . -4.62 20.44 4.11
C1 O1D I . -1.61 17.61 4.26
C11 O1D I . -6.17 23.48 4.65
C12 O1D I . -2.48 19.72 5.01
C2 O1D I . -2.73 17.44 3.46
C3 O1D I . -3.73 18.39 3.45
C9 O1D I . -7.90 24.04 3.08
S SO4 J . -11.44 -4.37 6.24
O1 SO4 J . -10.14 -3.80 5.87
O2 SO4 J . -11.59 -5.73 5.70
O3 SO4 J . -11.59 -4.49 7.70
O4 SO4 J . -12.53 -3.57 5.64
S SO4 K . -16.57 27.46 12.08
O1 SO4 K . -15.32 28.17 11.74
O2 SO4 K . -17.45 28.33 12.88
O3 SO4 K . -17.27 27.09 10.83
O4 SO4 K . -16.25 26.25 12.84
S SO4 L . -5.86 19.83 7.28
O1 SO4 L . -4.54 20.29 7.67
O2 SO4 L . -5.76 18.53 6.59
O3 SO4 L . -6.65 19.68 8.52
O4 SO4 L . -6.51 20.81 6.39
#